data_9C3D
#
_entry.id   9C3D
#
_cell.length_a   47.176
_cell.length_b   62.256
_cell.length_c   72.387
_cell.angle_alpha   90.000
_cell.angle_beta   90.000
_cell.angle_gamma   90.000
#
_symmetry.space_group_name_H-M   'P 21 21 21'
#
loop_
_entity.id
_entity.type
_entity.pdbx_description
1 polymer 'Metallo-beta-lactamase type 2'
2 non-polymer 'ZINC ION'
3 water water
#
_entity_poly.entity_id   1
_entity_poly.type   'polypeptide(L)'
_entity_poly.pdbx_seq_one_letter_code
;QTPDKSFKTDDLIVQKLTDHTYQHLTYLQTQTFGKVPCNGLIVFDGGEAVIFDTPADDATSEKVIRWVEDSLKCKVKAVI
ATHFHEDCVGGLKAFHEHGIPSYATNKTIAFDKEHKFPVPQKGFDNKLELNVGTKPVVAAFYGEGHTRDNIIGYFPSEKV
MFGGCLIKEVDATKGNLADANVDVWPATVANIRKQYSDVKVVIPGHGKIGGSELLDYTIKLFSQK
;
_entity_poly.pdbx_strand_id   A
#
# COMPACT_ATOMS: atom_id res chain seq x y z
N GLN A 1 14.06 17.56 11.65
CA GLN A 1 14.18 17.13 10.26
C GLN A 1 14.74 15.71 10.17
N THR A 2 14.70 15.15 8.96
CA THR A 2 15.30 13.86 8.66
C THR A 2 16.04 13.96 7.33
N PRO A 3 17.08 13.14 7.13
CA PRO A 3 17.78 13.13 5.84
C PRO A 3 16.85 12.67 4.72
N ASP A 4 17.22 13.04 3.50
CA ASP A 4 16.51 12.61 2.30
C ASP A 4 17.38 11.57 1.59
N LYS A 5 17.00 10.31 1.71
CA LYS A 5 17.69 9.20 1.04
C LYS A 5 16.92 8.73 -0.19
N SER A 6 16.16 9.61 -0.84
CA SER A 6 15.45 9.25 -2.05
C SER A 6 16.44 8.86 -3.15
N PHE A 7 15.96 8.05 -4.10
CA PHE A 7 16.78 7.64 -5.24
C PHE A 7 15.86 7.11 -6.33
N LYS A 8 16.42 7.03 -7.54
CA LYS A 8 15.69 6.55 -8.72
C LYS A 8 16.56 5.62 -9.53
N THR A 9 15.99 4.47 -9.91
CA THR A 9 16.58 3.51 -10.83
C THR A 9 15.52 3.14 -11.87
N ASP A 10 15.91 2.32 -12.84
CA ASP A 10 14.98 1.93 -13.90
C ASP A 10 13.86 1.05 -13.39
N ASP A 11 14.12 0.19 -12.41
CA ASP A 11 13.10 -0.73 -11.92
C ASP A 11 12.51 -0.31 -10.58
N LEU A 12 13.06 0.71 -9.92
CA LEU A 12 12.62 1.02 -8.57
C LEU A 12 12.85 2.50 -8.29
N ILE A 13 11.82 3.15 -7.76
CA ILE A 13 11.91 4.54 -7.32
C ILE A 13 11.48 4.59 -5.87
N VAL A 14 12.26 5.27 -5.05
CA VAL A 14 11.91 5.53 -3.65
C VAL A 14 11.99 7.03 -3.45
N GLN A 15 10.90 7.61 -2.94
CA GLN A 15 10.74 9.06 -2.93
C GLN A 15 10.20 9.50 -1.59
N LYS A 16 10.91 10.42 -0.95
CA LYS A 16 10.45 10.92 0.34
C LYS A 16 9.19 11.77 0.16
N LEU A 17 8.26 11.62 1.09
CA LEU A 17 6.99 12.36 1.09
C LEU A 17 6.86 13.26 2.30
N THR A 18 7.12 12.73 3.50
CA THR A 18 7.14 13.52 4.72
C THR A 18 8.38 13.13 5.53
N ASP A 19 8.54 13.70 6.73
CA ASP A 19 9.75 13.48 7.52
C ASP A 19 10.02 12.00 7.74
N HIS A 20 8.98 11.19 7.88
CA HIS A 20 9.18 9.78 8.18
C HIS A 20 8.38 8.86 7.25
N THR A 21 8.08 9.29 6.02
CA THR A 21 7.44 8.39 5.06
C THR A 21 8.07 8.51 3.67
N TYR A 22 8.05 7.39 2.94
CA TYR A 22 8.64 7.25 1.62
C TYR A 22 7.68 6.46 0.73
N GLN A 23 7.48 6.94 -0.50
CA GLN A 23 6.82 6.14 -1.53
C GLN A 23 7.81 5.13 -2.13
N HIS A 24 7.34 3.90 -2.36
CA HIS A 24 8.09 3.04 -3.27
C HIS A 24 7.26 2.82 -4.52
N LEU A 25 7.96 2.70 -5.66
CA LEU A 25 7.31 2.63 -6.96
C LEU A 25 8.05 1.59 -7.81
N THR A 26 7.33 0.56 -8.23
CA THR A 26 7.85 -0.48 -9.11
C THR A 26 6.86 -0.69 -10.24
N TYR A 27 7.18 -1.63 -11.13
CA TYR A 27 6.41 -1.83 -12.36
C TYR A 27 6.08 -3.31 -12.53
N LEU A 28 4.84 -3.56 -12.97
CA LEU A 28 4.34 -4.91 -13.18
C LEU A 28 3.98 -5.07 -14.65
N GLN A 29 4.61 -6.02 -15.33
CA GLN A 29 4.39 -6.24 -16.76
C GLN A 29 3.36 -7.34 -16.95
N THR A 30 2.25 -6.99 -17.58
CA THR A 30 1.18 -7.91 -17.91
C THR A 30 1.02 -7.96 -19.42
N GLN A 31 0.39 -9.03 -19.90
CA GLN A 31 0.07 -9.13 -21.33
C GLN A 31 -1.28 -8.54 -21.67
N THR A 32 -2.14 -8.30 -20.68
CA THR A 32 -3.44 -7.70 -20.91
C THR A 32 -3.53 -6.24 -20.47
N PHE A 33 -2.52 -5.74 -19.75
CA PHE A 33 -2.54 -4.35 -19.29
C PHE A 33 -1.26 -3.61 -19.68
N GLY A 34 -0.18 -4.35 -19.92
CA GLY A 34 1.11 -3.74 -20.19
C GLY A 34 1.89 -3.45 -18.93
N LYS A 35 2.83 -2.52 -19.03
CA LYS A 35 3.67 -2.12 -17.90
C LYS A 35 2.92 -1.07 -17.08
N VAL A 36 2.60 -1.39 -15.83
CA VAL A 36 1.83 -0.51 -14.95
C VAL A 36 2.69 -0.14 -13.76
N PRO A 37 2.83 1.15 -13.44
CA PRO A 37 3.54 1.54 -12.21
C PRO A 37 2.70 1.22 -10.98
N CYS A 38 3.36 0.78 -9.92
CA CYS A 38 2.69 0.39 -8.69
C CYS A 38 3.30 1.12 -7.50
N ASN A 39 2.45 1.65 -6.62
CA ASN A 39 2.88 2.42 -5.45
C ASN A 39 2.80 1.59 -4.18
N GLY A 40 3.76 1.85 -3.26
CA GLY A 40 3.68 1.37 -1.91
C GLY A 40 4.15 2.46 -0.95
N LEU A 41 4.12 2.15 0.35
CA LEU A 41 4.43 3.12 1.39
C LEU A 41 5.38 2.51 2.40
N ILE A 42 6.38 3.30 2.80
CA ILE A 42 7.30 2.96 3.88
C ILE A 42 7.14 4.05 4.93
N VAL A 43 6.82 3.65 6.17
CA VAL A 43 6.79 4.56 7.31
C VAL A 43 7.80 4.06 8.33
N PHE A 44 8.34 4.97 9.14
CA PHE A 44 9.38 4.50 10.06
C PHE A 44 9.51 5.47 11.23
N ASP A 45 10.06 4.93 12.33
CA ASP A 45 10.39 5.70 13.51
C ASP A 45 11.22 4.84 14.43
N GLY A 46 12.24 5.44 15.05
CA GLY A 46 12.97 4.77 16.10
C GLY A 46 13.66 3.50 15.68
N GLY A 47 14.12 3.43 14.44
CA GLY A 47 14.81 2.24 13.97
C GLY A 47 13.89 1.12 13.50
N GLU A 48 12.59 1.37 13.41
CA GLU A 48 11.63 0.37 12.97
C GLU A 48 10.88 0.91 11.77
N ALA A 49 10.64 0.06 10.79
CA ALA A 49 9.88 0.47 9.62
C ALA A 49 8.79 -0.54 9.33
N VAL A 50 7.70 -0.03 8.76
CA VAL A 50 6.59 -0.83 8.26
C VAL A 50 6.35 -0.47 6.81
N ILE A 51 6.06 -1.47 5.98
CA ILE A 51 5.88 -1.27 4.55
C ILE A 51 4.50 -1.73 4.13
N PHE A 52 3.79 -0.88 3.39
CA PHE A 52 2.51 -1.21 2.79
C PHE A 52 2.73 -1.62 1.33
N ASP A 53 2.30 -2.85 1.00
CA ASP A 53 2.44 -3.51 -0.30
C ASP A 53 3.90 -3.86 -0.59
N THR A 54 4.14 -5.08 -1.08
CA THR A 54 5.48 -5.41 -1.52
C THR A 54 5.80 -4.66 -2.81
N PRO A 55 7.05 -4.27 -3.01
CA PRO A 55 7.46 -3.93 -4.38
C PRO A 55 7.12 -5.09 -5.30
N ALA A 56 7.08 -4.84 -6.61
CA ALA A 56 6.35 -5.72 -7.51
C ALA A 56 6.90 -7.15 -7.55
N ASP A 57 8.18 -7.33 -7.26
CA ASP A 57 8.76 -8.67 -7.32
C ASP A 57 9.83 -8.82 -6.25
N ASP A 58 10.47 -9.99 -6.23
CA ASP A 58 11.46 -10.30 -5.20
C ASP A 58 12.72 -9.44 -5.32
N ALA A 59 13.13 -9.10 -6.54
CA ALA A 59 14.38 -8.37 -6.73
C ALA A 59 14.24 -6.92 -6.25
N THR A 60 13.15 -6.25 -6.62
CA THR A 60 12.94 -4.90 -6.12
C THR A 60 12.60 -4.91 -4.63
N SER A 61 11.88 -5.94 -4.16
CA SER A 61 11.66 -6.09 -2.72
C SER A 61 12.99 -6.21 -1.98
N GLU A 62 13.92 -7.00 -2.50
CA GLU A 62 15.24 -7.13 -1.87
C GLU A 62 15.94 -5.79 -1.78
N LYS A 63 15.87 -4.98 -2.85
CA LYS A 63 16.53 -3.68 -2.83
C LYS A 63 15.92 -2.76 -1.78
N VAL A 64 14.59 -2.76 -1.66
CA VAL A 64 13.93 -1.91 -0.67
C VAL A 64 14.33 -2.32 0.75
N ILE A 65 14.29 -3.62 1.04
CA ILE A 65 14.64 -4.10 2.37
C ILE A 65 16.07 -3.67 2.74
N ARG A 66 17.02 -3.85 1.82
CA ARG A 66 18.40 -3.47 2.10
C ARG A 66 18.53 -1.96 2.29
N TRP A 67 17.78 -1.19 1.52
CA TRP A 67 17.87 0.27 1.62
C TRP A 67 17.28 0.76 2.93
N VAL A 68 16.19 0.14 3.39
CA VAL A 68 15.65 0.49 4.70
C VAL A 68 16.67 0.22 5.80
N GLU A 69 17.40 -0.90 5.69
CA GLU A 69 18.43 -1.22 6.68
C GLU A 69 19.66 -0.33 6.54
N ASP A 70 20.13 -0.12 5.29
CA ASP A 70 21.40 0.55 5.07
C ASP A 70 21.25 2.07 5.12
N SER A 71 20.21 2.61 4.49
CA SER A 71 20.06 4.06 4.39
C SER A 71 19.23 4.64 5.54
N LEU A 72 18.12 3.99 5.87
CA LEU A 72 17.27 4.49 6.95
C LEU A 72 17.74 4.02 8.32
N LYS A 73 18.65 3.04 8.38
CA LYS A 73 19.10 2.44 9.64
C LYS A 73 17.92 1.93 10.46
N CYS A 74 17.00 1.24 9.77
CA CYS A 74 15.81 0.67 10.38
C CYS A 74 15.72 -0.81 10.08
N LYS A 75 15.10 -1.54 10.99
CA LYS A 75 14.69 -2.91 10.75
C LYS A 75 13.28 -2.87 10.20
N VAL A 76 13.03 -3.65 9.15
CA VAL A 76 11.67 -3.77 8.62
C VAL A 76 10.89 -4.66 9.57
N LYS A 77 9.96 -4.05 10.29
CA LYS A 77 9.20 -4.72 11.34
C LYS A 77 8.06 -5.55 10.77
N ALA A 78 7.48 -5.13 9.65
CA ALA A 78 6.34 -5.83 9.08
C ALA A 78 6.11 -5.31 7.67
N VAL A 79 5.48 -6.14 6.86
CA VAL A 79 4.93 -5.73 5.58
C VAL A 79 3.46 -6.10 5.57
N ILE A 80 2.63 -5.22 5.02
CA ILE A 80 1.18 -5.34 5.04
C ILE A 80 0.68 -5.35 3.59
N ALA A 81 -0.02 -6.42 3.20
CA ALA A 81 -0.60 -6.49 1.86
C ALA A 81 -2.00 -5.90 1.91
N THR A 82 -2.25 -4.85 1.09
CA THR A 82 -3.52 -4.13 1.20
C THR A 82 -4.64 -4.73 0.36
N HIS A 83 -4.34 -5.64 -0.57
CA HIS A 83 -5.32 -6.60 -1.08
C HIS A 83 -4.56 -7.73 -1.75
N PHE A 84 -5.30 -8.68 -2.35
CA PHE A 84 -4.67 -9.94 -2.71
C PHE A 84 -3.93 -9.90 -4.04
N HIS A 85 -4.07 -8.85 -4.84
CA HIS A 85 -3.47 -8.83 -6.17
C HIS A 85 -1.93 -8.78 -6.09
N GLU A 86 -1.30 -9.10 -7.23
CA GLU A 86 0.15 -9.23 -7.28
C GLU A 86 0.90 -7.90 -7.11
N ASP A 87 0.25 -6.74 -7.31
CA ASP A 87 0.96 -5.50 -6.97
C ASP A 87 0.95 -5.22 -5.46
N CYS A 88 0.50 -6.19 -4.65
CA CYS A 88 0.53 -6.10 -3.20
C CYS A 88 1.33 -7.23 -2.54
N VAL A 89 1.33 -8.42 -3.13
CA VAL A 89 1.99 -9.59 -2.56
C VAL A 89 3.09 -10.15 -3.45
N GLY A 90 3.37 -9.51 -4.59
CA GLY A 90 4.27 -10.12 -5.56
C GLY A 90 5.66 -10.44 -5.01
N GLY A 91 6.18 -9.60 -4.11
CA GLY A 91 7.50 -9.80 -3.55
C GLY A 91 7.56 -10.41 -2.16
N LEU A 92 6.47 -11.04 -1.71
CA LEU A 92 6.39 -11.54 -0.34
C LEU A 92 7.51 -12.51 0.00
N LYS A 93 7.92 -13.35 -0.96
CA LYS A 93 8.96 -14.33 -0.68
C LYS A 93 10.23 -13.68 -0.16
N ALA A 94 10.62 -12.53 -0.72
CA ALA A 94 11.84 -11.85 -0.26
C ALA A 94 11.70 -11.39 1.19
N PHE A 95 10.55 -10.81 1.53
CA PHE A 95 10.31 -10.45 2.92
C PHE A 95 10.41 -11.66 3.83
N HIS A 96 9.82 -12.79 3.41
CA HIS A 96 9.82 -13.97 4.25
C HIS A 96 11.23 -14.53 4.43
N GLU A 97 12.05 -14.47 3.38
N GLU A 97 12.06 -14.49 3.39
CA GLU A 97 13.44 -14.94 3.50
CA GLU A 97 13.43 -14.96 3.54
C GLU A 97 14.22 -14.11 4.50
C GLU A 97 14.24 -14.11 4.51
N HIS A 98 13.84 -12.85 4.71
CA HIS A 98 14.47 -11.96 5.68
C HIS A 98 13.83 -12.07 7.05
N GLY A 99 12.91 -13.01 7.24
CA GLY A 99 12.24 -13.16 8.51
C GLY A 99 11.29 -12.03 8.86
N ILE A 100 10.90 -11.23 7.87
CA ILE A 100 9.98 -10.11 8.07
C ILE A 100 8.55 -10.64 8.04
N PRO A 101 7.78 -10.49 9.11
CA PRO A 101 6.40 -10.97 9.11
C PRO A 101 5.54 -10.16 8.15
N SER A 102 4.64 -10.87 7.47
CA SER A 102 3.68 -10.27 6.56
C SER A 102 2.27 -10.44 7.14
N TYR A 103 1.44 -9.41 6.93
CA TYR A 103 0.09 -9.32 7.48
C TYR A 103 -0.89 -9.00 6.36
N ALA A 104 -2.12 -9.48 6.51
CA ALA A 104 -3.22 -9.12 5.62
C ALA A 104 -4.52 -9.56 6.30
N THR A 105 -5.65 -9.07 5.80
CA THR A 105 -6.88 -9.57 6.37
C THR A 105 -7.04 -11.05 6.05
N ASN A 106 -7.88 -11.73 6.83
CA ASN A 106 -8.16 -13.14 6.55
C ASN A 106 -8.80 -13.31 5.19
N LYS A 107 -9.59 -12.33 4.75
CA LYS A 107 -10.19 -12.39 3.43
C LYS A 107 -9.12 -12.34 2.36
N THR A 108 -8.18 -11.40 2.48
CA THR A 108 -7.04 -11.34 1.57
C THR A 108 -6.29 -12.66 1.53
N ILE A 109 -6.04 -13.26 2.70
CA ILE A 109 -5.23 -14.48 2.76
C ILE A 109 -5.94 -15.63 2.06
N ALA A 110 -7.27 -15.72 2.21
CA ALA A 110 -8.01 -16.77 1.51
C ALA A 110 -7.94 -16.57 0.00
N PHE A 111 -8.10 -15.32 -0.46
CA PHE A 111 -7.99 -15.02 -1.88
C PHE A 111 -6.65 -15.45 -2.45
N ASP A 112 -5.56 -15.14 -1.74
CA ASP A 112 -4.23 -15.47 -2.25
C ASP A 112 -4.01 -16.97 -2.34
N LYS A 113 -4.54 -17.72 -1.37
CA LYS A 113 -4.45 -19.19 -1.44
C LYS A 113 -5.23 -19.72 -2.63
N GLU A 114 -6.42 -19.17 -2.89
CA GLU A 114 -7.25 -19.62 -4.00
C GLU A 114 -6.59 -19.33 -5.34
N HIS A 115 -5.91 -18.18 -5.46
CA HIS A 115 -5.26 -17.77 -6.69
C HIS A 115 -3.81 -18.24 -6.79
N LYS A 116 -3.32 -18.99 -5.81
CA LYS A 116 -1.95 -19.49 -5.82
C LYS A 116 -0.94 -18.36 -6.00
N PHE A 117 -1.21 -17.25 -5.33
CA PHE A 117 -0.28 -16.14 -5.14
C PHE A 117 0.45 -16.32 -3.81
N PRO A 118 1.58 -15.62 -3.61
CA PRO A 118 2.22 -15.66 -2.30
C PRO A 118 1.26 -15.23 -1.20
N VAL A 119 1.32 -15.91 -0.06
CA VAL A 119 0.29 -15.81 0.96
C VAL A 119 0.85 -15.04 2.16
N PRO A 120 0.24 -13.91 2.54
CA PRO A 120 0.61 -13.26 3.81
C PRO A 120 0.45 -14.23 4.99
N GLN A 121 1.32 -14.06 5.98
CA GLN A 121 1.43 -15.07 7.04
C GLN A 121 0.53 -14.82 8.24
N LYS A 122 0.25 -13.57 8.58
CA LYS A 122 -0.50 -13.26 9.80
C LYS A 122 -1.80 -12.57 9.42
N GLY A 123 -2.93 -13.16 9.81
CA GLY A 123 -4.23 -12.64 9.46
C GLY A 123 -4.92 -11.84 10.56
N PHE A 124 -5.76 -10.91 10.14
CA PHE A 124 -6.59 -10.16 11.05
C PHE A 124 -7.92 -9.87 10.37
N ASP A 125 -8.92 -9.56 11.16
CA ASP A 125 -10.21 -9.13 10.64
C ASP A 125 -10.35 -7.63 10.85
N ASN A 126 -10.70 -6.95 9.77
CA ASN A 126 -11.09 -5.54 9.66
C ASN A 126 -10.02 -4.51 10.06
N LYS A 127 -9.21 -4.74 11.10
CA LYS A 127 -8.26 -3.68 11.46
C LYS A 127 -7.05 -4.23 12.20
N LEU A 128 -5.88 -3.71 11.83
CA LEU A 128 -4.60 -4.04 12.45
C LEU A 128 -3.97 -2.76 12.98
N GLU A 129 -3.48 -2.80 14.21
CA GLU A 129 -2.78 -1.67 14.81
C GLU A 129 -1.37 -2.09 15.16
N LEU A 130 -0.39 -1.49 14.50
CA LEU A 130 1.01 -1.72 14.83
C LEU A 130 1.62 -0.42 15.34
N ASN A 131 2.77 -0.56 15.99
CA ASN A 131 3.60 0.56 16.40
C ASN A 131 4.91 0.52 15.63
N VAL A 132 5.35 1.68 15.17
CA VAL A 132 6.68 1.85 14.60
C VAL A 132 7.39 2.85 15.51
N GLY A 133 8.50 2.42 16.11
CA GLY A 133 9.03 3.15 17.25
C GLY A 133 7.93 3.35 18.28
N THR A 134 7.63 4.62 18.60
CA THR A 134 6.48 4.95 19.44
C THR A 134 5.27 5.42 18.64
N LYS A 135 5.34 5.35 17.28
CA LYS A 135 4.38 5.91 16.33
C LYS A 135 3.36 4.86 15.90
N PRO A 136 2.07 5.19 15.89
CA PRO A 136 1.06 4.22 15.43
C PRO A 136 1.05 4.08 13.91
N VAL A 137 0.78 2.84 13.49
CA VAL A 137 0.54 2.48 12.09
C VAL A 137 -0.79 1.74 12.05
N VAL A 138 -1.70 2.15 11.17
CA VAL A 138 -3.02 1.54 11.08
C VAL A 138 -3.21 0.96 9.68
N ALA A 139 -3.87 -0.21 9.62
CA ALA A 139 -4.33 -0.77 8.35
C ALA A 139 -5.75 -1.29 8.56
N ALA A 140 -6.70 -0.83 7.74
CA ALA A 140 -8.09 -1.10 8.12
C ALA A 140 -9.00 -1.14 6.90
N PHE A 141 -10.10 -1.90 7.06
CA PHE A 141 -11.10 -2.12 6.04
C PHE A 141 -12.26 -1.14 6.25
N TYR A 142 -12.67 -0.46 5.17
CA TYR A 142 -13.78 0.48 5.22
C TYR A 142 -14.85 0.18 4.18
N GLY A 143 -14.75 -0.96 3.48
CA GLY A 143 -15.74 -1.32 2.48
C GLY A 143 -15.11 -1.84 1.20
N GLU A 144 -15.92 -2.48 0.36
CA GLU A 144 -15.44 -3.09 -0.87
C GLU A 144 -15.30 -2.01 -1.94
N GLY A 145 -14.53 -2.35 -2.97
CA GLY A 145 -14.34 -1.37 -4.03
C GLY A 145 -13.54 -1.97 -5.17
N HIS A 146 -12.25 -1.64 -5.19
CA HIS A 146 -11.38 -2.23 -6.19
C HIS A 146 -11.41 -3.76 -6.10
N THR A 147 -11.43 -4.29 -4.89
CA THR A 147 -11.66 -5.70 -4.64
C THR A 147 -12.55 -5.81 -3.42
N ARG A 148 -13.01 -7.04 -3.13
N ARG A 148 -13.01 -7.03 -3.14
CA ARG A 148 -13.85 -7.21 -1.95
CA ARG A 148 -13.85 -7.24 -1.96
C ARG A 148 -13.05 -7.10 -0.65
C ARG A 148 -13.05 -7.18 -0.67
N ASP A 149 -11.73 -7.24 -0.72
CA ASP A 149 -10.88 -7.30 0.46
C ASP A 149 -10.04 -6.05 0.73
N ASN A 150 -10.07 -5.03 -0.14
CA ASN A 150 -9.05 -3.99 -0.09
C ASN A 150 -9.12 -3.17 1.21
N ILE A 151 -7.95 -2.90 1.78
CA ILE A 151 -7.82 -2.08 2.99
C ILE A 151 -6.91 -0.89 2.68
N ILE A 152 -6.91 0.08 3.60
CA ILE A 152 -6.02 1.22 3.46
C ILE A 152 -5.06 1.26 4.65
N GLY A 153 -4.01 2.04 4.48
CA GLY A 153 -3.03 2.24 5.54
C GLY A 153 -3.02 3.70 5.94
N TYR A 154 -2.79 3.95 7.23
CA TYR A 154 -2.72 5.31 7.74
C TYR A 154 -1.62 5.43 8.76
N PHE A 155 -0.88 6.54 8.68
CA PHE A 155 0.22 6.88 9.59
C PHE A 155 -0.17 8.22 10.21
N PRO A 156 -0.90 8.21 11.33
CA PRO A 156 -1.52 9.46 11.82
C PRO A 156 -0.52 10.53 12.25
N SER A 157 0.68 10.15 12.71
CA SER A 157 1.60 11.18 13.20
C SER A 157 1.96 12.16 12.08
N GLU A 158 1.91 11.74 10.82
CA GLU A 158 2.20 12.66 9.73
C GLU A 158 1.07 12.72 8.70
N LYS A 159 -0.09 12.15 9.02
CA LYS A 159 -1.33 12.32 8.24
C LYS A 159 -1.14 11.83 6.82
N VAL A 160 -0.45 10.70 6.67
CA VAL A 160 -0.17 10.08 5.38
C VAL A 160 -1.05 8.84 5.25
N MET A 161 -1.77 8.74 4.13
CA MET A 161 -2.66 7.62 3.84
C MET A 161 -2.15 6.88 2.61
N PHE A 162 -2.01 5.57 2.73
CA PHE A 162 -1.81 4.69 1.57
C PHE A 162 -3.18 4.15 1.19
N GLY A 163 -3.74 4.70 0.11
CA GLY A 163 -5.06 4.28 -0.32
C GLY A 163 -5.07 2.97 -1.09
N GLY A 164 -3.95 2.60 -1.70
CA GLY A 164 -3.96 1.41 -2.51
C GLY A 164 -4.86 1.56 -3.72
N CYS A 165 -5.21 0.42 -4.31
CA CYS A 165 -5.93 0.52 -5.57
C CYS A 165 -7.39 0.91 -5.38
N LEU A 166 -7.86 0.98 -4.13
CA LEU A 166 -9.18 1.52 -3.84
C LEU A 166 -9.27 2.99 -4.20
N ILE A 167 -8.13 3.68 -4.22
CA ILE A 167 -8.07 5.13 -4.40
C ILE A 167 -7.34 5.39 -5.71
N LYS A 168 -7.97 6.15 -6.59
CA LYS A 168 -7.42 6.48 -7.90
C LYS A 168 -6.75 7.84 -7.88
N GLU A 169 -5.70 7.99 -8.68
CA GLU A 169 -5.12 9.32 -8.90
C GLU A 169 -6.16 10.22 -9.57
N VAL A 170 -5.99 11.53 -9.37
CA VAL A 170 -6.91 12.47 -10.01
C VAL A 170 -6.89 12.27 -11.52
N ASP A 171 -8.08 12.25 -12.12
CA ASP A 171 -8.34 12.13 -13.56
C ASP A 171 -8.04 10.73 -14.10
N ALA A 172 -7.83 9.75 -13.23
CA ALA A 172 -7.61 8.37 -13.66
C ALA A 172 -8.88 7.77 -14.26
N THR A 173 -8.69 6.74 -15.07
CA THR A 173 -9.79 5.89 -15.50
C THR A 173 -10.13 4.88 -14.41
N LYS A 174 -11.24 4.16 -14.62
CA LYS A 174 -11.69 3.18 -13.61
C LYS A 174 -10.71 2.03 -13.45
N GLY A 175 -9.95 1.71 -14.49
CA GLY A 175 -8.93 0.67 -14.36
C GLY A 175 -9.48 -0.75 -14.43
N ASN A 176 -8.77 -1.65 -13.76
CA ASN A 176 -9.12 -3.07 -13.80
C ASN A 176 -10.27 -3.32 -12.83
N LEU A 177 -11.44 -3.71 -13.35
CA LEU A 177 -12.62 -3.93 -12.54
C LEU A 177 -12.96 -5.42 -12.38
N ALA A 178 -12.04 -6.31 -12.74
CA ALA A 178 -12.35 -7.74 -12.78
C ALA A 178 -12.81 -8.28 -11.43
N ASP A 179 -12.30 -7.75 -10.33
CA ASP A 179 -12.65 -8.22 -8.99
C ASP A 179 -13.43 -7.18 -8.21
N ALA A 180 -13.91 -6.14 -8.89
CA ALA A 180 -14.43 -4.95 -8.25
C ALA A 180 -15.90 -5.09 -7.86
N ASN A 181 -16.28 -4.33 -6.84
CA ASN A 181 -17.68 -4.13 -6.46
C ASN A 181 -17.93 -2.63 -6.67
N VAL A 182 -18.27 -2.25 -7.89
CA VAL A 182 -18.28 -0.82 -8.19
C VAL A 182 -19.47 -0.10 -7.57
N ASP A 183 -20.59 -0.82 -7.34
CA ASP A 183 -21.77 -0.10 -6.85
C ASP A 183 -21.58 0.45 -5.44
N VAL A 184 -20.72 -0.18 -4.63
CA VAL A 184 -20.49 0.29 -3.26
C VAL A 184 -19.18 1.07 -3.12
N TRP A 185 -18.37 1.12 -4.16
CA TRP A 185 -17.09 1.83 -4.11
C TRP A 185 -17.26 3.29 -3.70
N PRO A 186 -18.21 4.08 -4.24
CA PRO A 186 -18.38 5.45 -3.72
C PRO A 186 -18.63 5.52 -2.22
N ALA A 187 -19.55 4.69 -1.70
CA ALA A 187 -19.86 4.71 -0.27
C ALA A 187 -18.64 4.31 0.57
N THR A 188 -17.80 3.41 0.04
CA THR A 188 -16.60 2.99 0.76
C THR A 188 -15.62 4.16 0.90
N VAL A 189 -15.36 4.87 -0.20
CA VAL A 189 -14.42 5.98 -0.13
C VAL A 189 -15.02 7.18 0.58
N ALA A 190 -16.35 7.35 0.52
CA ALA A 190 -16.97 8.40 1.34
C ALA A 190 -16.80 8.12 2.83
N ASN A 191 -16.91 6.85 3.21
CA ASN A 191 -16.65 6.44 4.59
C ASN A 191 -15.21 6.77 4.99
N ILE A 192 -14.25 6.52 4.10
CA ILE A 192 -12.86 6.85 4.41
C ILE A 192 -12.68 8.36 4.53
N ARG A 193 -13.26 9.11 3.59
CA ARG A 193 -13.15 10.56 3.61
C ARG A 193 -13.74 11.14 4.89
N LYS A 194 -14.82 10.52 5.37
CA LYS A 194 -15.46 10.98 6.60
C LYS A 194 -14.58 10.73 7.83
N GLN A 195 -13.81 9.64 7.82
CA GLN A 195 -13.05 9.27 9.01
C GLN A 195 -11.62 9.81 9.03
N TYR A 196 -11.13 10.33 7.90
CA TYR A 196 -9.77 10.86 7.80
C TYR A 196 -9.81 12.29 7.26
N SER A 197 -10.54 13.15 7.97
CA SER A 197 -10.85 14.49 7.46
C SER A 197 -9.64 15.42 7.38
N ASP A 198 -8.53 15.11 8.05
CA ASP A 198 -7.39 16.00 7.94
C ASP A 198 -6.18 15.31 7.33
N VAL A 199 -6.40 14.27 6.53
CA VAL A 199 -5.28 13.64 5.82
C VAL A 199 -4.58 14.67 4.95
N LYS A 200 -3.24 14.60 4.94
CA LYS A 200 -2.41 15.54 4.18
C LYS A 200 -1.82 14.92 2.91
N VAL A 201 -1.49 13.63 2.92
CA VAL A 201 -0.93 12.94 1.77
C VAL A 201 -1.76 11.70 1.53
N VAL A 202 -2.27 11.52 0.29
CA VAL A 202 -3.02 10.33 -0.11
C VAL A 202 -2.30 9.68 -1.28
N ILE A 203 -1.88 8.42 -1.10
CA ILE A 203 -1.11 7.70 -2.10
C ILE A 203 -2.05 6.73 -2.81
N PRO A 204 -2.30 6.89 -4.10
CA PRO A 204 -3.12 5.92 -4.81
C PRO A 204 -2.31 4.66 -5.11
N GLY A 205 -3.04 3.59 -5.43
CA GLY A 205 -2.37 2.35 -5.82
C GLY A 205 -1.49 2.54 -7.04
N HIS A 206 -1.91 3.41 -7.95
CA HIS A 206 -1.15 3.76 -9.14
C HIS A 206 -1.26 5.25 -9.41
N GLY A 207 -0.14 5.87 -9.77
CA GLY A 207 -0.17 7.23 -10.26
C GLY A 207 0.26 8.26 -9.23
N LYS A 208 -0.20 9.49 -9.47
CA LYS A 208 0.35 10.66 -8.80
C LYS A 208 -0.22 10.83 -7.40
N ILE A 209 0.68 10.91 -6.41
CA ILE A 209 0.34 11.18 -5.04
C ILE A 209 -0.19 12.61 -4.91
N GLY A 210 -1.23 12.80 -4.11
CA GLY A 210 -1.74 14.13 -3.83
C GLY A 210 -2.29 14.23 -2.44
N GLY A 211 -3.41 14.92 -2.31
CA GLY A 211 -4.03 15.13 -1.01
C GLY A 211 -5.40 14.48 -0.94
N SER A 212 -6.25 14.99 -0.04
CA SER A 212 -7.57 14.40 0.14
C SER A 212 -8.43 14.49 -1.12
N GLU A 213 -8.08 15.37 -2.07
CA GLU A 213 -8.83 15.47 -3.31
C GLU A 213 -8.83 14.16 -4.11
N LEU A 214 -7.89 13.25 -3.85
CA LEU A 214 -7.97 11.94 -4.51
C LEU A 214 -9.17 11.14 -4.01
N LEU A 215 -9.59 11.36 -2.76
CA LEU A 215 -10.81 10.71 -2.29
C LEU A 215 -12.02 11.27 -3.03
N ASP A 216 -12.15 12.60 -3.05
CA ASP A 216 -13.27 13.21 -3.77
C ASP A 216 -13.31 12.75 -5.22
N TYR A 217 -12.14 12.67 -5.86
CA TYR A 217 -12.13 12.29 -7.28
C TYR A 217 -12.61 10.86 -7.46
N THR A 218 -12.11 9.95 -6.61
CA THR A 218 -12.49 8.55 -6.73
C THR A 218 -13.99 8.36 -6.52
N ILE A 219 -14.56 9.07 -5.54
CA ILE A 219 -16.00 9.01 -5.33
C ILE A 219 -16.74 9.45 -6.58
N LYS A 220 -16.32 10.56 -7.18
CA LYS A 220 -16.95 11.02 -8.42
C LYS A 220 -16.83 9.99 -9.52
N LEU A 221 -15.61 9.48 -9.74
CA LEU A 221 -15.36 8.54 -10.84
C LEU A 221 -16.34 7.38 -10.82
N PHE A 222 -16.68 6.87 -9.63
CA PHE A 222 -17.54 5.70 -9.52
C PHE A 222 -18.99 6.06 -9.19
N SER A 223 -19.30 7.33 -8.99
CA SER A 223 -20.67 7.80 -8.90
C SER A 223 -21.20 8.32 -10.22
N GLN A 224 -20.29 8.59 -11.17
CA GLN A 224 -20.55 9.18 -12.50
C GLN A 224 -20.68 10.69 -12.38
#